data_3E7K
#
_entry.id   3E7K
#
_cell.length_a   146.258
_cell.length_b   35.674
_cell.length_c   100.322
_cell.angle_alpha   90.000
_cell.angle_beta   124.460
_cell.angle_gamma   90.000
#
_symmetry.space_group_name_H-M   'C 1 2 1'
#
loop_
_entity.id
_entity.type
_entity.pdbx_description
1 polymer 'TRPM7 channel'
2 water water
#
_entity_poly.entity_id   1
_entity_poly.type   'polypeptide(L)'
_entity_poly.pdbx_seq_one_letter_code
;GAGSRVTFERVEQMSIQIKEVGDRVNYIKRSLQSLDSQIGHLQDLSALTVDTLKTL
;
_entity_poly.pdbx_strand_id   A,B,C,D,E,F,G,H
#
# COMPACT_ATOMS: atom_id res chain seq x y z
N ALA A 2 -27.29 40.99 -12.48
CA ALA A 2 -26.26 41.42 -13.52
C ALA A 2 -24.79 41.23 -13.04
N GLY A 3 -24.34 42.20 -12.23
CA GLY A 3 -23.19 41.97 -11.37
C GLY A 3 -23.47 40.75 -10.49
N SER A 4 -24.69 40.61 -9.96
CA SER A 4 -24.99 39.44 -9.12
C SER A 4 -25.15 38.18 -9.95
N ARG A 5 -25.73 38.33 -11.14
CA ARG A 5 -25.81 37.17 -12.03
C ARG A 5 -24.41 36.60 -12.36
N VAL A 6 -23.51 37.48 -12.80
CA VAL A 6 -22.20 37.03 -13.23
C VAL A 6 -21.49 36.52 -11.96
N THR A 7 -21.79 37.11 -10.80
CA THR A 7 -21.17 36.64 -9.55
C THR A 7 -21.63 35.20 -9.24
N PHE A 8 -22.91 34.92 -9.42
CA PHE A 8 -23.39 33.53 -9.24
C PHE A 8 -22.76 32.52 -10.25
N GLU A 9 -22.57 32.92 -11.51
CA GLU A 9 -21.90 32.07 -12.49
C GLU A 9 -20.46 31.76 -12.05
N ARG A 10 -19.79 32.76 -11.51
CA ARG A 10 -18.38 32.65 -11.14
C ARG A 10 -18.17 31.77 -9.92
N VAL A 11 -19.07 31.92 -8.94
CA VAL A 11 -19.00 31.14 -7.77
C VAL A 11 -19.30 29.68 -8.11
N GLU A 12 -20.23 29.43 -9.04
CA GLU A 12 -20.47 28.08 -9.50
C GLU A 12 -19.24 27.47 -10.22
N GLN A 13 -18.56 28.30 -11.01
CA GLN A 13 -17.42 27.88 -11.76
C GLN A 13 -16.22 27.64 -10.81
N MET A 14 -16.09 28.45 -9.79
CA MET A 14 -15.01 28.20 -8.82
C MET A 14 -15.27 26.85 -8.15
N SER A 15 -16.53 26.59 -7.77
CA SER A 15 -16.91 25.36 -7.12
C SER A 15 -16.48 24.16 -8.01
N ILE A 16 -16.80 24.21 -9.30
CA ILE A 16 -16.34 23.17 -10.25
C ILE A 16 -14.82 22.97 -10.29
N GLN A 17 -14.09 24.07 -10.36
CA GLN A 17 -12.61 23.97 -10.40
C GLN A 17 -11.98 23.54 -9.07
N ILE A 18 -12.60 23.92 -7.96
CA ILE A 18 -12.17 23.45 -6.65
C ILE A 18 -12.40 21.91 -6.46
N LYS A 19 -13.49 21.40 -7.00
CA LYS A 19 -13.71 19.94 -6.95
C LYS A 19 -12.68 19.22 -7.86
N GLU A 20 -12.38 19.82 -9.00
CA GLU A 20 -11.37 19.24 -9.84
C GLU A 20 -9.99 19.29 -9.20
N VAL A 21 -9.64 20.37 -8.52
CA VAL A 21 -8.35 20.40 -7.82
C VAL A 21 -8.29 19.26 -6.77
N GLY A 22 -9.31 19.18 -5.89
CA GLY A 22 -9.47 18.04 -4.97
C GLY A 22 -9.25 16.66 -5.63
N ASP A 23 -9.96 16.37 -6.71
CA ASP A 23 -9.83 15.11 -7.43
C ASP A 23 -8.43 14.79 -7.93
N ARG A 24 -7.76 15.83 -8.43
CA ARG A 24 -6.40 15.71 -8.89
C ARG A 24 -5.45 15.41 -7.72
N VAL A 25 -5.61 16.10 -6.61
CA VAL A 25 -4.79 15.76 -5.45
C VAL A 25 -5.08 14.33 -5.01
N ASN A 26 -6.34 13.90 -5.03
CA ASN A 26 -6.62 12.50 -4.55
C ASN A 26 -5.91 11.49 -5.51
N TYR A 27 -5.93 11.78 -6.80
CA TYR A 27 -5.20 10.93 -7.74
C TYR A 27 -3.70 10.82 -7.47
N ILE A 28 -3.11 11.95 -7.18
CA ILE A 28 -1.70 12.07 -6.84
C ILE A 28 -1.32 11.33 -5.56
N LYS A 29 -2.18 11.45 -4.57
CA LYS A 29 -2.08 10.65 -3.34
C LYS A 29 -2.10 9.16 -3.57
N ARG A 30 -3.04 8.72 -4.44
CA ARG A 30 -3.07 7.29 -4.78
C ARG A 30 -1.79 6.82 -5.48
N SER A 31 -1.26 7.68 -6.40
CA SER A 31 -0.04 7.38 -7.16
C SER A 31 1.11 7.28 -6.17
N LEU A 32 1.12 8.14 -5.17
CA LEU A 32 2.21 8.14 -4.16
C LEU A 32 2.16 6.87 -3.29
N GLN A 33 0.95 6.39 -3.02
CA GLN A 33 0.69 5.17 -2.28
C GLN A 33 1.24 3.99 -3.09
N SER A 34 0.87 3.91 -4.37
CA SER A 34 1.48 2.87 -5.25
C SER A 34 2.99 2.95 -5.17
N LEU A 35 3.52 4.17 -5.17
CA LEU A 35 4.97 4.34 -5.18
C LEU A 35 5.59 3.84 -3.86
N ASP A 36 4.89 4.12 -2.77
CA ASP A 36 5.33 3.74 -1.49
C ASP A 36 5.45 2.20 -1.39
N SER A 37 4.48 1.53 -1.99
CA SER A 37 4.52 0.04 -2.00
C SER A 37 5.73 -0.51 -2.78
N GLN A 38 6.04 0.09 -3.93
CA GLN A 38 7.20 -0.35 -4.70
C GLN A 38 8.47 -0.12 -3.89
N ILE A 39 8.56 1.06 -3.26
CA ILE A 39 9.68 1.34 -2.36
C ILE A 39 9.82 0.30 -1.25
N GLY A 40 8.70 -0.23 -0.73
CA GLY A 40 8.74 -1.22 0.34
C GLY A 40 9.50 -2.40 -0.20
N HIS A 41 9.06 -2.85 -1.36
CA HIS A 41 9.62 -4.03 -1.94
C HIS A 41 11.12 -3.87 -2.18
N LEU A 42 11.54 -2.65 -2.55
CA LEU A 42 12.93 -2.37 -2.87
C LEU A 42 13.76 -2.38 -1.59
N GLN A 43 13.19 -1.84 -0.51
CA GLN A 43 13.92 -1.88 0.75
C GLN A 43 14.10 -3.35 1.26
N ASP A 44 13.07 -4.20 1.17
CA ASP A 44 13.20 -5.62 1.53
C ASP A 44 14.31 -6.26 0.70
N LEU A 45 14.34 -5.99 -0.59
CA LEU A 45 15.30 -6.62 -1.48
C LEU A 45 16.70 -6.15 -1.14
N SER A 46 16.86 -4.85 -0.96
CA SER A 46 18.08 -4.34 -0.37
C SER A 46 18.51 -5.00 0.95
N ALA A 47 17.61 -5.13 1.95
CA ALA A 47 18.04 -5.73 3.19
C ALA A 47 18.50 -7.22 2.98
N LEU A 48 17.88 -7.91 2.08
CA LEU A 48 18.17 -9.29 1.80
C LEU A 48 19.58 -9.43 1.18
N THR A 49 19.91 -8.52 0.26
CA THR A 49 21.18 -8.52 -0.49
C THR A 49 22.30 -8.21 0.51
N VAL A 50 22.06 -7.24 1.39
CA VAL A 50 23.06 -6.92 2.40
C VAL A 50 23.30 -8.11 3.33
N ASP A 51 22.21 -8.71 3.82
CA ASP A 51 22.32 -9.82 4.70
C ASP A 51 23.16 -10.95 4.12
N THR A 52 22.89 -11.32 2.88
CA THR A 52 23.68 -12.36 2.20
C THR A 52 25.16 -12.01 2.01
N LEU A 53 25.49 -10.75 1.70
CA LEU A 53 26.88 -10.38 1.69
C LEU A 53 27.57 -10.57 3.04
N LYS A 54 26.81 -10.62 4.12
CA LYS A 54 27.41 -10.85 5.41
C LYS A 54 27.48 -12.37 5.69
N THR A 55 26.73 -13.20 4.92
CA THR A 55 26.80 -14.66 5.09
C THR A 55 27.82 -15.37 4.16
N GLY B 1 38.74 -11.22 -4.63
CA GLY B 1 38.75 -10.56 -3.31
C GLY B 1 38.43 -9.10 -3.55
N ALA B 2 39.36 -8.39 -4.18
CA ALA B 2 39.21 -6.95 -4.45
C ALA B 2 37.88 -6.54 -5.09
N GLY B 3 37.49 -7.25 -6.13
CA GLY B 3 36.21 -6.97 -6.77
C GLY B 3 35.10 -7.00 -5.71
N SER B 4 35.13 -8.02 -4.85
CA SER B 4 34.09 -8.16 -3.84
C SER B 4 34.11 -7.00 -2.88
N ARG B 5 35.29 -6.50 -2.52
CA ARG B 5 35.36 -5.42 -1.52
C ARG B 5 34.55 -4.18 -1.93
N VAL B 6 34.83 -3.74 -3.15
CA VAL B 6 34.25 -2.52 -3.64
C VAL B 6 32.76 -2.77 -3.75
N THR B 7 32.37 -4.02 -4.07
CA THR B 7 30.99 -4.34 -4.36
C THR B 7 30.24 -4.23 -3.02
N PHE B 8 30.88 -4.69 -1.94
CA PHE B 8 30.26 -4.64 -0.64
C PHE B 8 30.01 -3.13 -0.30
N GLU B 9 31.01 -2.29 -0.52
CA GLU B 9 30.84 -0.85 -0.24
C GLU B 9 29.68 -0.23 -1.02
N ARG B 10 29.59 -0.55 -2.30
CA ARG B 10 28.60 -0.03 -3.20
C ARG B 10 27.21 -0.45 -2.75
N VAL B 11 27.06 -1.70 -2.33
CA VAL B 11 25.77 -2.23 -1.97
C VAL B 11 25.28 -1.56 -0.62
N GLU B 12 26.21 -1.42 0.31
CA GLU B 12 26.02 -0.66 1.56
C GLU B 12 25.59 0.76 1.26
N GLN B 13 26.22 1.42 0.29
CA GLN B 13 25.71 2.76 -0.10
C GLN B 13 24.33 2.76 -0.74
N MET B 14 24.04 1.76 -1.58
CA MET B 14 22.71 1.69 -2.20
C MET B 14 21.65 1.60 -1.10
N SER B 15 21.92 0.85 -0.06
CA SER B 15 20.86 0.64 0.91
C SER B 15 20.71 1.91 1.81
N ILE B 16 21.77 2.62 2.14
CA ILE B 16 21.59 3.97 2.70
C ILE B 16 20.70 4.92 1.81
N GLN B 17 20.97 4.94 0.51
CA GLN B 17 20.26 5.84 -0.43
C GLN B 17 18.81 5.40 -0.66
N ILE B 18 18.57 4.10 -0.54
CA ILE B 18 17.22 3.57 -0.68
C ILE B 18 16.41 3.96 0.54
N LYS B 19 17.07 3.98 1.70
CA LYS B 19 16.37 4.43 2.90
C LYS B 19 15.99 5.89 2.77
N GLU B 20 16.92 6.72 2.29
CA GLU B 20 16.66 8.15 2.10
C GLU B 20 15.45 8.36 1.17
N VAL B 21 15.37 7.58 0.10
CA VAL B 21 14.32 7.73 -0.91
C VAL B 21 13.00 7.46 -0.22
N GLY B 22 12.94 6.36 0.54
CA GLY B 22 11.83 6.04 1.48
C GLY B 22 11.36 7.20 2.39
N ASP B 23 12.26 7.67 3.26
CA ASP B 23 12.05 8.85 4.11
C ASP B 23 11.49 10.06 3.32
N ARG B 24 12.08 10.37 2.17
CA ARG B 24 11.57 11.49 1.33
C ARG B 24 10.16 11.29 0.88
N VAL B 25 9.84 10.08 0.44
CA VAL B 25 8.50 9.81 -0.02
C VAL B 25 7.54 9.85 1.21
N ASN B 26 7.97 9.36 2.37
CA ASN B 26 7.13 9.54 3.56
C ASN B 26 6.83 11.04 3.86
N TYR B 27 7.82 11.89 3.72
CA TYR B 27 7.60 13.33 3.90
C TYR B 27 6.59 13.92 2.90
N ILE B 28 6.73 13.58 1.62
CA ILE B 28 5.82 13.99 0.55
C ILE B 28 4.36 13.53 0.84
N LYS B 29 4.19 12.27 1.24
CA LYS B 29 2.92 11.77 1.71
C LYS B 29 2.27 12.64 2.81
N ARG B 30 3.04 13.00 3.83
CA ARG B 30 2.55 13.83 4.88
C ARG B 30 2.24 15.24 4.33
N SER B 31 3.09 15.78 3.44
CA SER B 31 2.81 17.10 2.89
C SER B 31 1.51 17.08 2.05
N LEU B 32 1.28 15.99 1.30
CA LEU B 32 0.04 15.84 0.54
C LEU B 32 -1.19 15.70 1.45
N GLN B 33 -1.08 15.05 2.62
CA GLN B 33 -2.24 15.04 3.50
C GLN B 33 -2.56 16.44 4.01
N SER B 34 -1.55 17.22 4.38
CA SER B 34 -1.83 18.61 4.80
C SER B 34 -2.53 19.32 3.71
N LEU B 35 -2.08 19.14 2.48
CA LEU B 35 -2.61 19.93 1.36
C LEU B 35 -4.08 19.54 1.13
N ASP B 36 -4.32 18.27 1.17
CA ASP B 36 -5.62 17.76 1.02
C ASP B 36 -6.52 18.29 2.16
N SER B 37 -6.00 18.40 3.38
CA SER B 37 -6.81 19.05 4.48
C SER B 37 -7.20 20.50 4.18
N GLN B 38 -6.23 21.28 3.69
CA GLN B 38 -6.51 22.64 3.25
C GLN B 38 -7.58 22.70 2.12
N ILE B 39 -7.47 21.81 1.14
CA ILE B 39 -8.46 21.77 0.09
C ILE B 39 -9.84 21.39 0.58
N GLY B 40 -9.92 20.55 1.62
CA GLY B 40 -11.23 20.26 2.19
C GLY B 40 -11.90 21.48 2.83
N HIS B 41 -11.12 22.34 3.50
CA HIS B 41 -11.67 23.58 4.10
C HIS B 41 -12.17 24.58 3.01
N LEU B 42 -11.47 24.65 1.89
CA LEU B 42 -11.88 25.45 0.80
C LEU B 42 -13.14 24.90 0.08
N GLN B 43 -13.22 23.58 -0.13
CA GLN B 43 -14.45 22.93 -0.65
C GLN B 43 -15.62 23.27 0.27
N ASP B 44 -15.38 23.23 1.58
CA ASP B 44 -16.46 23.54 2.58
C ASP B 44 -16.95 25.02 2.46
N LEU B 45 -15.99 25.96 2.27
CA LEU B 45 -16.29 27.41 2.18
C LEU B 45 -17.01 27.62 0.86
N SER B 46 -16.46 27.02 -0.19
CA SER B 46 -17.08 27.07 -1.50
C SER B 46 -18.52 26.51 -1.45
N ALA B 47 -18.74 25.36 -0.82
CA ALA B 47 -20.12 24.81 -0.70
C ALA B 47 -21.06 25.74 0.10
N LEU B 48 -20.55 26.32 1.18
CA LEU B 48 -21.38 27.27 1.91
C LEU B 48 -21.71 28.52 1.09
N THR B 49 -20.77 29.01 0.29
CA THR B 49 -21.01 30.22 -0.48
C THR B 49 -22.09 29.94 -1.54
N VAL B 50 -21.95 28.76 -2.17
CA VAL B 50 -22.91 28.25 -3.16
C VAL B 50 -24.32 28.12 -2.50
N ASP B 51 -24.38 27.44 -1.35
CA ASP B 51 -25.66 27.17 -0.63
C ASP B 51 -26.47 28.47 -0.40
N THR B 52 -25.72 29.54 -0.24
CA THR B 52 -26.14 30.86 0.21
C THR B 52 -26.61 31.80 -0.97
N LEU B 53 -26.25 31.43 -2.20
CA LEU B 53 -26.65 32.11 -3.44
C LEU B 53 -27.68 31.34 -4.29
N LYS B 54 -27.85 30.04 -4.04
CA LYS B 54 -28.91 29.21 -4.68
C LYS B 54 -30.28 29.90 -4.58
N THR B 55 -30.54 30.51 -3.42
CA THR B 55 -31.88 31.00 -3.08
C THR B 55 -31.87 32.46 -2.66
N GLY C 3 -26.29 38.47 -0.66
CA GLY C 3 -25.90 39.91 -0.36
C GLY C 3 -24.43 40.07 -0.73
N SER C 4 -24.08 41.20 -1.33
CA SER C 4 -22.77 41.31 -1.94
C SER C 4 -21.65 41.31 -0.95
N ARG C 5 -21.87 41.97 0.19
CA ARG C 5 -20.78 42.13 1.14
C ARG C 5 -20.40 40.84 1.78
N VAL C 6 -21.37 40.03 2.21
CA VAL C 6 -20.96 38.77 2.78
C VAL C 6 -20.35 37.82 1.74
N THR C 7 -20.88 37.87 0.51
CA THR C 7 -20.30 37.11 -0.58
C THR C 7 -18.88 37.57 -0.86
N PHE C 8 -18.67 38.89 -0.89
CA PHE C 8 -17.36 39.42 -1.10
C PHE C 8 -16.41 38.87 -0.05
N GLU C 9 -16.90 38.73 1.18
CA GLU C 9 -16.02 38.31 2.25
C GLU C 9 -15.64 36.83 2.12
N ARG C 10 -16.60 36.00 1.70
CA ARG C 10 -16.40 34.56 1.53
C ARG C 10 -15.50 34.35 0.32
N VAL C 11 -15.70 35.13 -0.72
CA VAL C 11 -14.81 34.95 -1.93
C VAL C 11 -13.34 35.37 -1.67
N GLU C 12 -13.20 36.48 -0.97
CA GLU C 12 -11.85 36.93 -0.53
C GLU C 12 -11.14 35.85 0.30
N GLN C 13 -11.83 35.25 1.26
CA GLN C 13 -11.24 34.21 2.07
C GLN C 13 -10.91 33.00 1.19
N MET C 14 -11.76 32.68 0.23
CA MET C 14 -11.39 31.64 -0.76
C MET C 14 -10.16 31.94 -1.56
N SER C 15 -10.05 33.19 -2.02
CA SER C 15 -8.88 33.49 -2.77
C SER C 15 -7.57 33.38 -1.89
N ILE C 16 -7.61 33.68 -0.59
CA ILE C 16 -6.44 33.47 0.28
C ILE C 16 -6.14 31.97 0.43
N GLN C 17 -7.16 31.17 0.65
CA GLN C 17 -6.92 29.76 0.75
C GLN C 17 -6.48 29.13 -0.61
N ILE C 18 -7.10 29.51 -1.73
CA ILE C 18 -6.58 29.09 -3.01
C ILE C 18 -5.03 29.37 -3.15
N LYS C 19 -4.60 30.58 -2.82
CA LYS C 19 -3.17 30.93 -2.79
C LYS C 19 -2.26 30.01 -1.89
N GLU C 20 -2.71 29.72 -0.67
CA GLU C 20 -2.03 28.74 0.22
C GLU C 20 -1.91 27.33 -0.34
N VAL C 21 -2.90 26.92 -1.11
CA VAL C 21 -2.95 25.60 -1.73
C VAL C 21 -1.91 25.62 -2.84
N GLY C 22 -1.90 26.73 -3.56
CA GLY C 22 -1.00 26.90 -4.70
C GLY C 22 0.43 26.81 -4.18
N ASP C 23 0.71 27.52 -3.07
CA ASP C 23 2.06 27.51 -2.50
C ASP C 23 2.44 26.11 -2.07
N ARG C 24 1.57 25.40 -1.37
CA ARG C 24 1.93 24.08 -0.93
C ARG C 24 2.18 23.12 -2.09
N VAL C 25 1.37 23.22 -3.15
CA VAL C 25 1.65 22.46 -4.37
C VAL C 25 3.03 22.66 -4.90
N ASN C 26 3.48 23.92 -5.08
CA ASN C 26 4.85 24.20 -5.49
C ASN C 26 5.95 23.72 -4.56
N TYR C 27 5.71 23.72 -3.25
CA TYR C 27 6.67 23.08 -2.35
C TYR C 27 6.82 21.59 -2.60
N ILE C 28 5.69 20.91 -2.76
CA ILE C 28 5.68 19.48 -3.01
C ILE C 28 6.36 19.19 -4.33
N LYS C 29 6.12 20.03 -5.33
CA LYS C 29 6.83 19.91 -6.61
C LYS C 29 8.36 19.99 -6.47
N ARG C 30 8.88 20.99 -5.75
CA ARG C 30 10.32 21.08 -5.48
C ARG C 30 10.89 19.83 -4.80
N SER C 31 10.15 19.30 -3.83
CA SER C 31 10.54 18.05 -3.14
C SER C 31 10.63 16.88 -4.08
N LEU C 32 9.68 16.77 -5.01
CA LEU C 32 9.78 15.72 -6.10
C LEU C 32 10.97 15.91 -7.00
N GLN C 33 11.26 17.15 -7.37
CA GLN C 33 12.44 17.39 -8.20
C GLN C 33 13.76 16.95 -7.46
N SER C 34 13.89 17.27 -6.17
CA SER C 34 15.11 16.83 -5.45
C SER C 34 15.11 15.31 -5.31
N LEU C 35 13.93 14.73 -5.11
CA LEU C 35 13.86 13.30 -5.00
C LEU C 35 14.30 12.69 -6.32
N ASP C 36 13.78 13.24 -7.43
CA ASP C 36 14.16 12.80 -8.74
C ASP C 36 15.70 12.82 -8.89
N SER C 37 16.34 13.86 -8.41
CA SER C 37 17.78 13.98 -8.64
C SER C 37 18.55 12.98 -7.74
N GLN C 38 18.01 12.69 -6.56
CA GLN C 38 18.67 11.75 -5.71
C GLN C 38 18.50 10.32 -6.25
N ILE C 39 17.34 10.02 -6.84
CA ILE C 39 17.16 8.74 -7.50
C ILE C 39 18.08 8.63 -8.70
N GLY C 40 18.32 9.73 -9.40
CA GLY C 40 19.32 9.65 -10.50
C GLY C 40 20.69 9.23 -9.99
N HIS C 41 21.13 9.79 -8.87
CA HIS C 41 22.38 9.32 -8.31
C HIS C 41 22.38 7.84 -7.97
N LEU C 42 21.26 7.35 -7.43
CA LEU C 42 21.17 6.00 -7.01
C LEU C 42 21.14 5.11 -8.23
N GLN C 43 20.44 5.50 -9.27
CA GLN C 43 20.49 4.70 -10.48
C GLN C 43 21.87 4.55 -11.09
N ASP C 44 22.62 5.64 -11.06
CA ASP C 44 23.99 5.60 -11.55
C ASP C 44 24.77 4.59 -10.72
N LEU C 45 24.54 4.59 -9.41
CA LEU C 45 25.33 3.74 -8.51
C LEU C 45 24.95 2.33 -8.83
N SER C 46 23.64 2.10 -8.96
CA SER C 46 23.23 0.71 -9.10
C SER C 46 23.83 0.23 -10.43
N ALA C 47 23.85 1.11 -11.43
CA ALA C 47 24.36 0.76 -12.76
C ALA C 47 25.85 0.39 -12.77
N LEU C 48 26.67 1.19 -12.10
CA LEU C 48 28.07 0.85 -11.90
C LEU C 48 28.24 -0.48 -11.14
N THR C 49 27.51 -0.67 -10.08
CA THR C 49 27.63 -1.87 -9.26
C THR C 49 27.35 -3.10 -10.13
N VAL C 50 26.25 -3.01 -10.87
CA VAL C 50 25.81 -4.08 -11.68
C VAL C 50 26.84 -4.39 -12.77
N ASP C 51 27.43 -3.35 -13.34
CA ASP C 51 28.33 -3.62 -14.41
C ASP C 51 29.61 -4.38 -13.95
N THR C 52 30.27 -3.92 -12.87
CA THR C 52 31.38 -4.62 -12.28
C THR C 52 31.07 -6.07 -11.92
N LEU C 53 29.91 -6.31 -11.30
CA LEU C 53 29.52 -7.64 -10.89
C LEU C 53 29.32 -8.60 -12.09
N LYS C 54 29.05 -8.10 -13.30
CA LYS C 54 29.11 -8.95 -14.52
C LYS C 54 30.50 -9.53 -14.76
N THR C 55 31.54 -8.77 -14.44
CA THR C 55 32.89 -9.02 -14.96
C THR C 55 33.77 -9.81 -13.99
N SER D 4 27.22 -14.05 -4.82
CA SER D 4 27.97 -13.44 -6.00
C SER D 4 27.21 -13.44 -7.33
N ARG D 5 26.83 -14.64 -7.79
CA ARG D 5 25.86 -14.76 -8.86
C ARG D 5 24.53 -14.37 -8.26
N VAL D 6 24.24 -14.85 -7.06
CA VAL D 6 23.05 -14.42 -6.42
C VAL D 6 23.18 -12.92 -6.11
N THR D 7 24.38 -12.42 -5.80
CA THR D 7 24.49 -10.98 -5.54
C THR D 7 24.20 -10.15 -6.84
N PHE D 8 24.88 -10.51 -7.92
CA PHE D 8 24.59 -9.90 -9.22
C PHE D 8 23.06 -9.86 -9.55
N GLU D 9 22.39 -10.98 -9.35
CA GLU D 9 20.95 -11.07 -9.66
C GLU D 9 20.09 -10.12 -8.87
N ARG D 10 20.33 -10.03 -7.56
CA ARG D 10 19.58 -9.15 -6.68
C ARG D 10 19.88 -7.69 -6.95
N VAL D 11 21.14 -7.39 -7.15
CA VAL D 11 21.50 -6.02 -7.58
C VAL D 11 20.84 -5.65 -8.93
N GLU D 12 20.77 -6.59 -9.87
CA GLU D 12 20.20 -6.22 -11.16
C GLU D 12 18.69 -6.00 -11.00
N GLN D 13 18.07 -6.83 -10.19
CA GLN D 13 16.67 -6.62 -9.85
C GLN D 13 16.37 -5.28 -9.14
N MET D 14 17.21 -4.90 -8.20
CA MET D 14 17.08 -3.61 -7.55
C MET D 14 17.20 -2.51 -8.56
N SER D 15 18.10 -2.67 -9.55
CA SER D 15 18.28 -1.54 -10.46
C SER D 15 17.03 -1.26 -11.35
N ILE D 16 16.39 -2.34 -11.81
CA ILE D 16 15.07 -2.31 -12.45
C ILE D 16 14.03 -1.62 -11.58
N GLN D 17 13.94 -2.03 -10.32
CA GLN D 17 12.98 -1.43 -9.39
C GLN D 17 13.25 0.03 -9.10
N ILE D 18 14.51 0.38 -8.99
CA ILE D 18 14.84 1.81 -8.84
C ILE D 18 14.35 2.58 -10.05
N LYS D 19 14.51 1.99 -11.23
CA LYS D 19 14.07 2.68 -12.44
C LYS D 19 12.52 2.87 -12.44
N GLU D 20 11.77 1.83 -12.05
CA GLU D 20 10.31 1.93 -11.99
C GLU D 20 9.88 3.01 -10.99
N VAL D 21 10.63 3.13 -9.88
CA VAL D 21 10.32 4.16 -8.85
C VAL D 21 10.65 5.59 -9.41
N GLY D 22 11.79 5.71 -10.08
CA GLY D 22 12.18 6.96 -10.70
C GLY D 22 11.14 7.46 -11.69
N ASP D 23 10.72 6.58 -12.61
CA ASP D 23 9.70 6.94 -13.55
C ASP D 23 8.35 7.38 -12.94
N ARG D 24 7.89 6.66 -11.94
CA ARG D 24 6.73 7.05 -11.23
C ARG D 24 6.91 8.38 -10.54
N VAL D 25 8.05 8.61 -9.89
CA VAL D 25 8.25 9.93 -9.30
C VAL D 25 8.08 11.05 -10.33
N ASN D 26 8.58 10.85 -11.55
CA ASN D 26 8.48 11.92 -12.53
C ASN D 26 7.07 12.15 -13.07
N TYR D 27 6.31 11.05 -13.21
CA TYR D 27 4.87 11.15 -13.57
C TYR D 27 4.09 11.99 -12.54
N ILE D 28 4.45 11.81 -11.26
CA ILE D 28 3.83 12.53 -10.15
C ILE D 28 4.23 13.99 -10.24
N LYS D 29 5.52 14.25 -10.48
CA LYS D 29 6.03 15.55 -10.63
C LYS D 29 5.28 16.29 -11.77
N ARG D 30 5.12 15.65 -12.90
CA ARG D 30 4.34 16.23 -13.97
C ARG D 30 2.86 16.51 -13.62
N SER D 31 2.15 15.58 -12.96
CA SER D 31 0.79 15.91 -12.42
C SER D 31 0.77 17.17 -11.60
N LEU D 32 1.72 17.33 -10.70
CA LEU D 32 1.73 18.55 -9.86
C LEU D 32 1.95 19.83 -10.71
N GLN D 33 2.84 19.74 -11.71
CA GLN D 33 3.12 20.85 -12.64
C GLN D 33 1.82 21.28 -13.29
N SER D 34 1.01 20.31 -13.69
CA SER D 34 -0.23 20.56 -14.37
C SER D 34 -1.32 21.12 -13.38
N LEU D 35 -1.33 20.57 -12.18
CA LEU D 35 -2.19 21.08 -11.15
C LEU D 35 -1.87 22.56 -10.82
N ASP D 36 -0.57 22.87 -10.77
CA ASP D 36 -0.12 24.24 -10.50
C ASP D 36 -0.72 25.23 -11.52
N SER D 37 -0.79 24.79 -12.76
CA SER D 37 -1.25 25.68 -13.81
C SER D 37 -2.76 25.98 -13.66
N GLN D 38 -3.50 24.94 -13.35
CA GLN D 38 -4.96 24.99 -13.02
C GLN D 38 -5.29 25.83 -11.78
N ILE D 39 -4.44 25.71 -10.76
CA ILE D 39 -4.58 26.59 -9.58
C ILE D 39 -4.40 28.03 -9.97
N GLY D 40 -3.40 28.32 -10.80
CA GLY D 40 -3.18 29.72 -11.23
C GLY D 40 -4.41 30.30 -11.87
N HIS D 41 -5.11 29.52 -12.68
CA HIS D 41 -6.31 30.05 -13.33
C HIS D 41 -7.49 30.16 -12.32
N LEU D 42 -7.55 29.24 -11.38
CA LEU D 42 -8.55 29.40 -10.31
C LEU D 42 -8.27 30.69 -9.47
N GLN D 43 -6.99 30.94 -9.18
CA GLN D 43 -6.61 32.13 -8.44
C GLN D 43 -7.12 33.35 -9.23
N ASP D 44 -7.00 33.32 -10.56
CA ASP D 44 -7.38 34.49 -11.37
C ASP D 44 -8.91 34.70 -11.37
N LEU D 45 -9.64 33.61 -11.46
CA LEU D 45 -11.09 33.66 -11.46
C LEU D 45 -11.52 34.22 -10.12
N SER D 46 -10.84 33.82 -9.03
CA SER D 46 -11.26 34.36 -7.71
C SER D 46 -11.00 35.86 -7.56
N ALA D 47 -9.86 36.33 -8.06
CA ALA D 47 -9.54 37.76 -8.07
C ALA D 47 -10.56 38.58 -8.91
N LEU D 48 -10.99 38.02 -10.03
CA LEU D 48 -11.90 38.75 -10.90
C LEU D 48 -13.31 38.83 -10.32
N THR D 49 -13.75 37.72 -9.69
CA THR D 49 -15.01 37.64 -8.92
C THR D 49 -15.03 38.66 -7.78
N VAL D 50 -13.97 38.74 -6.99
CA VAL D 50 -13.84 39.74 -5.90
C VAL D 50 -13.86 41.18 -6.43
N ASP D 51 -13.19 41.43 -7.57
CA ASP D 51 -13.12 42.83 -8.14
C ASP D 51 -14.52 43.36 -8.52
N THR D 52 -15.31 42.49 -9.12
CA THR D 52 -16.69 42.89 -9.42
C THR D 52 -17.50 43.05 -8.18
N LEU D 53 -17.31 42.16 -7.21
CA LEU D 53 -18.04 42.30 -5.92
C LEU D 53 -17.70 43.61 -5.18
N LYS D 54 -16.50 44.10 -5.30
CA LYS D 54 -16.22 45.39 -4.71
C LYS D 54 -17.06 46.52 -5.33
N THR D 55 -17.50 46.39 -6.57
CA THR D 55 -18.20 47.50 -7.21
C THR D 55 -19.65 47.43 -6.84
N LEU D 56 -20.01 46.44 -6.03
CA LEU D 56 -21.44 46.14 -5.83
C LEU D 56 -21.82 46.52 -4.38
N ALA E 2 6.73 5.44 36.69
CA ALA E 2 6.56 4.52 35.51
C ALA E 2 7.85 3.83 34.98
N GLY E 3 9.04 4.32 35.36
CA GLY E 3 10.34 3.68 34.94
C GLY E 3 10.66 2.61 36.01
N SER E 4 9.70 2.52 36.92
CA SER E 4 9.65 1.49 37.92
C SER E 4 9.52 0.05 37.33
N ARG E 5 10.13 -0.90 38.05
CA ARG E 5 10.24 -2.25 37.54
C ARG E 5 8.98 -2.95 36.96
N VAL E 6 7.83 -2.90 37.64
CA VAL E 6 6.69 -3.59 37.07
C VAL E 6 6.33 -3.05 35.65
N THR E 7 6.23 -1.72 35.52
CA THR E 7 5.86 -1.16 34.22
C THR E 7 6.98 -1.43 33.20
N PHE E 8 8.22 -1.21 33.62
CA PHE E 8 9.32 -1.42 32.74
C PHE E 8 9.25 -2.86 32.19
N GLU E 9 8.99 -3.82 33.07
CA GLU E 9 9.02 -5.21 32.63
C GLU E 9 7.89 -5.46 31.66
N ARG E 10 6.70 -4.94 31.93
CA ARG E 10 5.56 -5.12 30.98
C ARG E 10 5.80 -4.56 29.60
N VAL E 11 6.41 -3.36 29.56
CA VAL E 11 6.67 -2.68 28.32
C VAL E 11 7.73 -3.41 27.51
N GLU E 12 8.83 -3.85 28.16
CA GLU E 12 9.80 -4.72 27.49
C GLU E 12 9.08 -5.96 26.88
N GLN E 13 8.14 -6.54 27.62
CA GLN E 13 7.40 -7.70 27.17
C GLN E 13 6.56 -7.34 25.95
N MET E 14 5.85 -6.22 26.02
CA MET E 14 5.03 -5.83 24.88
C MET E 14 5.91 -5.71 23.66
N SER E 15 7.10 -5.20 23.88
CA SER E 15 8.09 -4.95 22.83
C SER E 15 8.46 -6.26 22.10
N ILE E 16 8.93 -7.24 22.90
CA ILE E 16 9.17 -8.62 22.41
C ILE E 16 7.96 -9.24 21.66
N GLN E 17 6.76 -9.13 22.20
CA GLN E 17 5.54 -9.65 21.55
C GLN E 17 5.07 -8.92 20.29
N ILE E 18 5.37 -7.63 20.20
CA ILE E 18 5.10 -6.89 18.97
C ILE E 18 6.06 -7.28 17.85
N LYS E 19 7.35 -7.36 18.16
CA LYS E 19 8.36 -7.95 17.24
C LYS E 19 7.99 -9.36 16.74
N GLU E 20 7.39 -10.15 17.60
CA GLU E 20 6.97 -11.48 17.23
C GLU E 20 5.72 -11.46 16.31
N VAL E 21 4.77 -10.56 16.56
CA VAL E 21 3.64 -10.34 15.64
C VAL E 21 4.15 -9.94 14.28
N GLY E 22 5.20 -9.10 14.25
CA GLY E 22 5.79 -8.66 13.02
C GLY E 22 6.43 -9.86 12.29
N ASP E 23 7.37 -10.56 12.93
CA ASP E 23 7.88 -11.82 12.33
C ASP E 23 6.81 -12.76 11.75
N ARG E 24 5.77 -13.05 12.53
CA ARG E 24 4.65 -13.87 11.99
C ARG E 24 3.94 -13.32 10.74
N VAL E 25 3.77 -12.00 10.69
CA VAL E 25 3.07 -11.43 9.55
C VAL E 25 4.04 -11.57 8.35
N ASN E 26 5.32 -11.39 8.60
CA ASN E 26 6.32 -11.56 7.51
C ASN E 26 6.34 -12.98 6.91
N TYR E 27 6.20 -13.98 7.78
CA TYR E 27 6.09 -15.38 7.37
C TYR E 27 4.80 -15.64 6.58
N ILE E 28 3.68 -15.18 7.09
CA ILE E 28 2.41 -15.22 6.36
C ILE E 28 2.55 -14.55 5.01
N LYS E 29 3.17 -13.37 4.93
CA LYS E 29 3.38 -12.76 3.63
C LYS E 29 4.12 -13.61 2.59
N ARG E 30 5.28 -14.15 3.01
CA ARG E 30 6.06 -15.07 2.25
C ARG E 30 5.21 -16.23 1.81
N SER E 31 4.44 -16.78 2.73
CA SER E 31 3.71 -17.97 2.42
C SER E 31 2.70 -17.61 1.35
N LEU E 32 2.05 -16.44 1.47
CA LEU E 32 1.12 -16.00 0.41
C LEU E 32 1.76 -15.75 -0.96
N GLN E 33 2.95 -15.19 -0.98
CA GLN E 33 3.69 -15.09 -2.25
C GLN E 33 3.94 -16.48 -2.90
N SER E 34 4.25 -17.51 -2.09
CA SER E 34 4.38 -18.89 -2.65
C SER E 34 3.08 -19.34 -3.22
N LEU E 35 2.02 -19.07 -2.50
CA LEU E 35 0.70 -19.45 -2.96
C LEU E 35 0.33 -18.73 -4.27
N ASP E 36 0.67 -17.45 -4.36
CA ASP E 36 0.36 -16.65 -5.50
C ASP E 36 1.06 -17.23 -6.76
N SER E 37 2.29 -17.73 -6.58
CA SER E 37 3.00 -18.38 -7.72
C SER E 37 2.32 -19.66 -8.18
N GLN E 38 1.91 -20.49 -7.22
CA GLN E 38 1.20 -21.71 -7.57
C GLN E 38 -0.10 -21.43 -8.36
N ILE E 39 -0.83 -20.43 -7.90
CA ILE E 39 -2.07 -20.04 -8.54
C ILE E 39 -1.76 -19.60 -9.97
N GLY E 40 -0.74 -18.78 -10.13
CA GLY E 40 -0.31 -18.39 -11.45
C GLY E 40 -0.10 -19.57 -12.41
N HIS E 41 0.71 -20.56 -12.02
CA HIS E 41 0.83 -21.78 -12.83
C HIS E 41 -0.53 -22.43 -13.13
N LEU E 42 -1.45 -22.45 -12.16
CA LEU E 42 -2.75 -23.10 -12.33
C LEU E 42 -3.61 -22.33 -13.29
N GLN E 43 -3.63 -20.98 -13.16
CA GLN E 43 -4.39 -20.17 -14.14
C GLN E 43 -3.83 -20.33 -15.60
N ASP E 44 -2.51 -20.34 -15.72
CA ASP E 44 -1.84 -20.50 -17.03
C ASP E 44 -2.32 -21.84 -17.66
N LEU E 45 -2.36 -22.87 -16.83
CA LEU E 45 -2.64 -24.20 -17.36
C LEU E 45 -4.13 -24.25 -17.77
N SER E 46 -4.98 -23.65 -16.93
CA SER E 46 -6.38 -23.46 -17.17
C SER E 46 -6.73 -22.79 -18.50
N ALA E 47 -6.12 -21.63 -18.73
CA ALA E 47 -6.26 -20.88 -19.95
C ALA E 47 -5.87 -21.73 -21.20
N LEU E 48 -4.76 -22.45 -21.10
CA LEU E 48 -4.26 -23.35 -22.18
C LEU E 48 -5.26 -24.50 -22.45
N THR E 49 -5.82 -25.04 -21.37
CA THR E 49 -6.79 -26.11 -21.50
C THR E 49 -8.10 -25.71 -22.25
N VAL E 50 -8.69 -24.60 -21.81
CA VAL E 50 -9.94 -24.05 -22.39
C VAL E 50 -9.72 -23.63 -23.84
N ASP E 51 -8.64 -22.91 -24.05
CA ASP E 51 -8.29 -22.49 -25.41
C ASP E 51 -8.25 -23.62 -26.44
N THR E 52 -7.49 -24.68 -26.15
CA THR E 52 -7.48 -25.92 -26.95
C THR E 52 -8.84 -26.58 -27.05
N LEU E 53 -9.52 -26.74 -25.90
CA LEU E 53 -10.72 -27.53 -25.88
C LEU E 53 -11.75 -26.85 -26.79
N LYS E 54 -11.80 -25.52 -26.71
CA LYS E 54 -12.73 -24.68 -27.45
C LYS E 54 -12.69 -25.02 -28.96
N THR E 55 -11.49 -25.39 -29.42
CA THR E 55 -11.17 -25.73 -30.81
C THR E 55 -11.58 -27.12 -31.25
N LEU E 56 -11.69 -28.03 -30.29
CA LEU E 56 -11.78 -29.45 -30.58
C LEU E 56 -13.24 -29.80 -30.84
N GLY F 3 -20.67 -36.18 -22.69
CA GLY F 3 -20.70 -35.19 -23.82
C GLY F 3 -19.53 -34.21 -23.82
N SER F 4 -19.00 -33.93 -25.01
CA SER F 4 -17.97 -32.92 -25.22
C SER F 4 -18.38 -31.53 -24.79
N ARG F 5 -19.65 -31.22 -24.95
CA ARG F 5 -20.08 -29.88 -24.62
C ARG F 5 -20.19 -29.70 -23.08
N VAL F 6 -20.70 -30.73 -22.42
CA VAL F 6 -20.74 -30.76 -21.00
C VAL F 6 -19.33 -30.65 -20.39
N THR F 7 -18.37 -31.35 -20.98
CA THR F 7 -17.03 -31.29 -20.45
C THR F 7 -16.50 -29.88 -20.69
N PHE F 8 -16.92 -29.27 -21.78
CA PHE F 8 -16.44 -27.95 -22.06
C PHE F 8 -16.99 -26.93 -21.05
N GLU F 9 -18.27 -27.02 -20.74
CA GLU F 9 -18.85 -26.11 -19.73
C GLU F 9 -18.11 -26.22 -18.41
N ARG F 10 -17.78 -27.45 -18.00
CA ARG F 10 -17.09 -27.69 -16.72
C ARG F 10 -15.70 -27.06 -16.68
N VAL F 11 -15.00 -27.22 -17.78
CA VAL F 11 -13.63 -26.79 -17.89
C VAL F 11 -13.65 -25.27 -17.99
N GLU F 12 -14.66 -24.74 -18.69
CA GLU F 12 -14.91 -23.28 -18.63
C GLU F 12 -15.21 -22.69 -17.21
N GLN F 13 -16.09 -23.37 -16.46
CA GLN F 13 -16.36 -23.07 -15.08
C GLN F 13 -15.11 -23.13 -14.17
N MET F 14 -14.24 -24.13 -14.36
CA MET F 14 -13.04 -24.22 -13.58
C MET F 14 -12.23 -22.99 -13.86
N SER F 15 -12.07 -22.60 -15.12
CA SER F 15 -11.26 -21.40 -15.37
C SER F 15 -11.81 -20.13 -14.67
N ILE F 16 -13.12 -19.96 -14.61
CA ILE F 16 -13.69 -18.80 -13.96
C ILE F 16 -13.41 -18.81 -12.46
N GLN F 17 -13.52 -19.96 -11.85
CA GLN F 17 -13.34 -20.08 -10.41
C GLN F 17 -11.86 -19.94 -10.06
N ILE F 18 -10.98 -20.33 -10.97
CA ILE F 18 -9.53 -20.17 -10.79
C ILE F 18 -9.12 -18.74 -10.89
N LYS F 19 -9.77 -18.04 -11.81
CA LYS F 19 -9.65 -16.58 -11.84
C LYS F 19 -10.07 -15.92 -10.53
N GLU F 20 -11.22 -16.34 -10.00
CA GLU F 20 -11.74 -15.81 -8.74
C GLU F 20 -10.78 -16.10 -7.61
N VAL F 21 -10.31 -17.33 -7.49
CA VAL F 21 -9.31 -17.67 -6.47
C VAL F 21 -8.13 -16.72 -6.54
N GLY F 22 -7.56 -16.57 -7.73
CA GLY F 22 -6.44 -15.64 -7.93
C GLY F 22 -6.78 -14.21 -7.51
N ASP F 23 -8.01 -13.72 -7.80
CA ASP F 23 -8.43 -12.35 -7.38
C ASP F 23 -8.51 -12.17 -5.88
N ARG F 24 -9.04 -13.18 -5.19
CA ARG F 24 -9.15 -13.14 -3.75
C ARG F 24 -7.78 -13.16 -3.06
N VAL F 25 -6.83 -13.85 -3.68
CA VAL F 25 -5.51 -13.93 -3.09
C VAL F 25 -4.81 -12.60 -3.28
N ASN F 26 -4.94 -11.96 -4.45
CA ASN F 26 -4.37 -10.58 -4.65
C ASN F 26 -4.94 -9.60 -3.60
N TYR F 27 -6.23 -9.75 -3.32
CA TYR F 27 -6.87 -8.93 -2.32
C TYR F 27 -6.35 -9.22 -0.90
N ILE F 28 -6.12 -10.48 -0.59
CA ILE F 28 -5.58 -10.86 0.71
C ILE F 28 -4.15 -10.29 0.84
N LYS F 29 -3.38 -10.35 -0.22
CA LYS F 29 -2.09 -9.80 -0.25
C LYS F 29 -2.11 -8.30 0.04
N ARG F 30 -3.01 -7.56 -0.60
CA ARG F 30 -3.07 -6.14 -0.29
C ARG F 30 -3.41 -5.88 1.19
N SER F 31 -4.29 -6.74 1.72
CA SER F 31 -4.72 -6.59 3.09
C SER F 31 -3.55 -6.88 4.05
N LEU F 32 -2.74 -7.88 3.72
CA LEU F 32 -1.55 -8.12 4.54
C LEU F 32 -0.57 -6.99 4.43
N GLN F 33 -0.46 -6.35 3.26
CA GLN F 33 0.41 -5.18 3.15
C GLN F 33 -0.02 -4.02 4.09
N SER F 34 -1.30 -3.68 4.11
CA SER F 34 -1.84 -2.70 5.08
C SER F 34 -1.58 -3.03 6.56
N LEU F 35 -1.76 -4.29 6.90
CA LEU F 35 -1.50 -4.78 8.24
C LEU F 35 -0.03 -4.65 8.56
N ASP F 36 0.81 -5.00 7.62
CA ASP F 36 2.23 -4.86 7.84
C ASP F 36 2.65 -3.38 8.13
N SER F 37 1.98 -2.43 7.49
CA SER F 37 2.35 -1.01 7.79
C SER F 37 1.84 -0.58 9.17
N GLN F 38 0.66 -1.02 9.54
CA GLN F 38 0.17 -0.69 10.88
C GLN F 38 1.13 -1.22 11.95
N ILE F 39 1.65 -2.44 11.74
CA ILE F 39 2.54 -3.06 12.69
C ILE F 39 3.84 -2.31 12.83
N GLY F 40 4.35 -1.81 11.69
CA GLY F 40 5.48 -0.89 11.64
C GLY F 40 5.26 0.30 12.58
N HIS F 41 4.09 0.94 12.52
CA HIS F 41 3.84 2.08 13.42
C HIS F 41 3.86 1.67 14.88
N LEU F 42 3.24 0.53 15.14
CA LEU F 42 3.19 -0.02 16.46
C LEU F 42 4.59 -0.34 16.99
N GLN F 43 5.41 -0.95 16.16
CA GLN F 43 6.81 -1.18 16.50
C GLN F 43 7.61 0.12 16.77
N ASP F 44 7.36 1.17 16.01
CA ASP F 44 8.03 2.46 16.21
C ASP F 44 7.62 3.02 17.63
N LEU F 45 6.34 2.92 17.95
CA LEU F 45 5.80 3.51 19.17
C LEU F 45 6.30 2.72 20.39
N SER F 46 6.42 1.42 20.21
CA SER F 46 6.98 0.57 21.23
C SER F 46 8.43 0.86 21.58
N ALA F 47 9.23 1.18 20.56
CA ALA F 47 10.64 1.49 20.72
C ALA F 47 10.81 2.80 21.45
N LEU F 48 9.96 3.76 21.12
CA LEU F 48 9.96 5.09 21.69
C LEU F 48 9.63 5.03 23.18
N THR F 49 8.64 4.19 23.50
CA THR F 49 8.18 4.01 24.88
C THR F 49 9.26 3.36 25.73
N VAL F 50 9.85 2.29 25.21
CA VAL F 50 10.95 1.61 25.90
C VAL F 50 12.11 2.55 26.16
N ASP F 51 12.52 3.32 25.13
CA ASP F 51 13.65 4.25 25.29
C ASP F 51 13.44 5.20 26.44
N THR F 52 12.28 5.84 26.45
CA THR F 52 11.97 6.74 27.53
C THR F 52 12.06 6.08 28.89
N LEU F 53 11.53 4.87 29.01
CA LEU F 53 11.45 4.23 30.30
C LEU F 53 12.84 3.90 30.86
N LYS F 54 13.79 3.72 29.96
CA LYS F 54 15.16 3.32 30.31
C LYS F 54 15.85 4.31 31.25
N THR F 55 15.51 5.59 31.13
CA THR F 55 16.21 6.64 31.86
C THR F 55 15.26 7.41 32.75
N LEU F 56 14.01 6.98 32.76
CA LEU F 56 12.94 7.60 33.55
C LEU F 56 12.74 6.80 34.82
N SER G 4 5.78 8.88 32.23
CA SER G 4 4.80 8.56 33.34
C SER G 4 3.35 8.71 32.84
N ARG G 5 2.95 9.99 32.76
CA ARG G 5 1.82 10.41 31.95
C ARG G 5 2.17 10.24 30.49
N VAL G 6 3.30 10.78 30.02
CA VAL G 6 3.68 10.43 28.64
C VAL G 6 3.66 8.91 28.41
N THR G 7 4.28 8.12 29.30
CA THR G 7 4.24 6.63 29.16
C THR G 7 2.80 6.05 29.09
N PHE G 8 1.94 6.57 29.95
CA PHE G 8 0.52 6.18 29.97
C PHE G 8 -0.11 6.43 28.60
N GLU G 9 0.13 7.64 28.11
CA GLU G 9 -0.43 8.06 26.86
C GLU G 9 0.07 7.15 25.69
N ARG G 10 1.32 6.74 25.78
CA ARG G 10 1.92 5.89 24.74
C ARG G 10 1.42 4.46 24.86
N VAL G 11 1.25 3.95 26.08
CA VAL G 11 0.74 2.58 26.13
C VAL G 11 -0.75 2.50 25.72
N GLU G 12 -1.49 3.52 26.14
CA GLU G 12 -2.87 3.62 25.71
C GLU G 12 -2.95 3.57 24.18
N GLN G 13 -2.08 4.34 23.49
CA GLN G 13 -2.12 4.35 22.01
C GLN G 13 -1.72 3.01 21.43
N MET G 14 -0.76 2.33 22.06
CA MET G 14 -0.39 1.00 21.66
C MET G 14 -1.57 0.08 21.81
N SER G 15 -2.32 0.23 22.91
CA SER G 15 -3.40 -0.68 23.10
C SER G 15 -4.47 -0.49 21.98
N ILE G 16 -4.67 0.74 21.52
CA ILE G 16 -5.61 0.92 20.40
C ILE G 16 -5.06 0.37 19.08
N GLN G 17 -3.76 0.47 18.87
CA GLN G 17 -3.18 0.01 17.61
C GLN G 17 -3.12 -1.52 17.62
N ILE G 18 -2.95 -2.05 18.82
CA ILE G 18 -3.03 -3.50 18.97
C ILE G 18 -4.38 -4.05 18.56
N LYS G 19 -5.43 -3.35 18.98
CA LYS G 19 -6.81 -3.74 18.65
C LYS G 19 -7.08 -3.65 17.13
N GLU G 20 -6.67 -2.57 16.50
CA GLU G 20 -6.76 -2.46 15.05
C GLU G 20 -6.00 -3.57 14.32
N VAL G 21 -4.79 -3.88 14.77
CA VAL G 21 -4.04 -4.98 14.18
C VAL G 21 -4.83 -6.29 14.34
N GLY G 22 -5.34 -6.56 15.55
CA GLY G 22 -6.09 -7.79 15.89
C GLY G 22 -7.36 -7.92 15.05
N ASP G 23 -8.04 -6.81 14.83
CA ASP G 23 -9.24 -6.88 14.04
C ASP G 23 -9.01 -7.15 12.55
N ARG G 24 -7.95 -6.55 12.01
CA ARG G 24 -7.54 -6.78 10.64
C ARG G 24 -7.03 -8.22 10.46
N VAL G 25 -6.30 -8.75 11.40
CA VAL G 25 -5.98 -10.17 11.34
C VAL G 25 -7.24 -11.06 11.21
N ASN G 26 -8.28 -10.76 11.97
CA ASN G 26 -9.44 -11.62 11.91
C ASN G 26 -10.21 -11.48 10.58
N TYR G 27 -10.28 -10.27 10.03
CA TYR G 27 -10.81 -10.08 8.68
C TYR G 27 -10.08 -10.93 7.64
N ILE G 28 -8.77 -10.97 7.72
CA ILE G 28 -7.98 -11.69 6.74
C ILE G 28 -8.27 -13.15 6.95
N LYS G 29 -8.31 -13.57 8.21
CA LYS G 29 -8.64 -14.93 8.53
C LYS G 29 -10.01 -15.39 7.93
N ARG G 30 -11.02 -14.54 8.01
CA ARG G 30 -12.31 -14.88 7.43
C ARG G 30 -12.24 -14.96 5.88
N SER G 31 -11.42 -14.10 5.27
CA SER G 31 -11.23 -14.20 3.83
C SER G 31 -10.67 -15.56 3.47
N LEU G 32 -9.75 -16.09 4.25
CA LEU G 32 -9.12 -17.35 3.94
C LEU G 32 -10.07 -18.48 4.11
N GLN G 33 -10.96 -18.35 5.10
CA GLN G 33 -11.96 -19.35 5.28
C GLN G 33 -12.89 -19.43 4.09
N SER G 34 -13.37 -18.27 3.67
CA SER G 34 -14.20 -18.15 2.52
C SER G 34 -13.48 -18.70 1.28
N LEU G 35 -12.19 -18.36 1.14
CA LEU G 35 -11.37 -18.86 0.02
C LEU G 35 -11.30 -20.39 0.04
N ASP G 36 -11.12 -20.96 1.22
CA ASP G 36 -11.07 -22.39 1.39
C ASP G 36 -12.33 -23.10 0.89
N SER G 37 -13.50 -22.58 1.20
CA SER G 37 -14.66 -23.31 0.78
C SER G 37 -14.91 -23.06 -0.71
N GLN G 38 -14.48 -21.93 -1.24
CA GLN G 38 -14.49 -21.74 -2.67
C GLN G 38 -13.61 -22.74 -3.39
N ILE G 39 -12.44 -22.96 -2.82
CA ILE G 39 -11.57 -23.98 -3.35
C ILE G 39 -12.21 -25.38 -3.24
N GLY G 40 -12.93 -25.63 -2.16
CA GLY G 40 -13.66 -26.89 -2.02
C GLY G 40 -14.60 -27.15 -3.18
N HIS G 41 -15.41 -26.16 -3.55
CA HIS G 41 -16.29 -26.31 -4.71
C HIS G 41 -15.46 -26.55 -5.98
N LEU G 42 -14.38 -25.81 -6.15
CA LEU G 42 -13.51 -26.01 -7.30
C LEU G 42 -12.88 -27.40 -7.33
N GLN G 43 -12.49 -27.95 -6.18
CA GLN G 43 -11.97 -29.34 -6.16
C GLN G 43 -13.03 -30.37 -6.52
N ASP G 44 -14.25 -30.20 -6.05
CA ASP G 44 -15.30 -31.14 -6.42
C ASP G 44 -15.52 -31.12 -7.90
N LEU G 45 -15.52 -29.92 -8.46
CA LEU G 45 -15.73 -29.73 -9.89
C LEU G 45 -14.65 -30.42 -10.67
N SER G 46 -13.39 -30.25 -10.26
CA SER G 46 -12.31 -30.86 -11.04
C SER G 46 -12.38 -32.36 -10.94
N ALA G 47 -12.72 -32.88 -9.77
CA ALA G 47 -12.82 -34.35 -9.55
C ALA G 47 -13.89 -34.97 -10.45
N LEU G 48 -15.04 -34.30 -10.50
CA LEU G 48 -16.11 -34.61 -11.42
C LEU G 48 -15.67 -34.62 -12.91
N THR G 49 -15.04 -33.52 -13.37
CA THR G 49 -14.56 -33.40 -14.73
C THR G 49 -13.58 -34.51 -15.04
N VAL G 50 -12.59 -34.70 -14.18
CA VAL G 50 -11.54 -35.69 -14.37
C VAL G 50 -12.17 -37.08 -14.47
N ASP G 51 -13.06 -37.41 -13.53
CA ASP G 51 -13.66 -38.73 -13.61
C ASP G 51 -14.37 -39.01 -14.93
N THR G 52 -15.16 -38.08 -15.42
CA THR G 52 -15.92 -38.33 -16.64
C THR G 52 -14.99 -38.47 -17.82
N LEU G 53 -13.88 -37.72 -17.81
CA LEU G 53 -12.93 -37.79 -18.91
C LEU G 53 -12.22 -39.16 -19.05
N LYS G 54 -11.98 -39.85 -17.94
CA LYS G 54 -11.39 -41.19 -18.05
C LYS G 54 -12.26 -42.06 -18.91
N THR G 55 -13.57 -41.85 -18.79
CA THR G 55 -14.61 -42.52 -19.64
C THR G 55 -14.23 -42.56 -21.10
N GLY H 1 -8.67 -38.39 -30.12
CA GLY H 1 -7.26 -38.56 -30.60
C GLY H 1 -6.31 -37.71 -29.78
N ALA H 2 -5.37 -37.05 -30.46
CA ALA H 2 -4.38 -36.18 -29.84
C ALA H 2 -5.01 -35.07 -28.95
N GLY H 3 -6.05 -34.39 -29.46
CA GLY H 3 -6.69 -33.29 -28.75
C GLY H 3 -7.29 -33.72 -27.41
N SER H 4 -7.94 -34.88 -27.40
CA SER H 4 -8.60 -35.41 -26.20
C SER H 4 -7.63 -35.94 -25.15
N ARG H 5 -6.63 -36.66 -25.63
CA ARG H 5 -5.59 -37.18 -24.76
C ARG H 5 -4.99 -36.01 -23.95
N VAL H 6 -4.51 -34.95 -24.62
CA VAL H 6 -3.84 -33.87 -23.92
C VAL H 6 -4.78 -33.13 -22.99
N THR H 7 -6.03 -32.97 -23.39
CA THR H 7 -7.02 -32.37 -22.53
C THR H 7 -7.18 -33.12 -21.20
N PHE H 8 -7.24 -34.45 -21.25
CA PHE H 8 -7.37 -35.25 -20.07
C PHE H 8 -6.19 -35.02 -19.07
N GLU H 9 -4.99 -35.04 -19.64
CA GLU H 9 -3.75 -34.93 -18.92
C GLU H 9 -3.71 -33.54 -18.27
N ARG H 10 -4.16 -32.53 -19.01
CA ARG H 10 -4.18 -31.16 -18.49
C ARG H 10 -5.18 -31.00 -17.31
N VAL H 11 -6.38 -31.52 -17.46
CA VAL H 11 -7.34 -31.48 -16.38
C VAL H 11 -6.89 -32.26 -15.13
N GLU H 12 -6.36 -33.46 -15.32
CA GLU H 12 -5.77 -34.13 -14.17
C GLU H 12 -4.69 -33.34 -13.46
N GLN H 13 -3.76 -32.76 -14.18
CA GLN H 13 -2.71 -31.95 -13.54
C GLN H 13 -3.26 -30.69 -12.86
N MET H 14 -4.36 -30.13 -13.42
CA MET H 14 -5.01 -29.02 -12.77
C MET H 14 -5.56 -29.43 -11.40
N SER H 15 -6.15 -30.62 -11.37
CA SER H 15 -6.80 -31.12 -10.19
C SER H 15 -5.79 -31.29 -9.07
N ILE H 16 -4.63 -31.81 -9.41
CA ILE H 16 -3.52 -31.94 -8.45
C ILE H 16 -3.05 -30.58 -7.92
N GLN H 17 -2.87 -29.63 -8.81
CA GLN H 17 -2.58 -28.25 -8.43
C GLN H 17 -3.66 -27.54 -7.65
N ILE H 18 -4.93 -27.74 -7.96
CA ILE H 18 -5.99 -27.26 -7.11
C ILE H 18 -5.80 -27.72 -5.65
N LYS H 19 -5.52 -28.99 -5.47
CA LYS H 19 -5.44 -29.55 -4.15
C LYS H 19 -4.22 -28.94 -3.39
N GLU H 20 -3.13 -28.68 -4.10
CA GLU H 20 -1.87 -28.07 -3.51
C GLU H 20 -2.16 -26.63 -3.04
N VAL H 21 -2.98 -25.95 -3.82
CA VAL H 21 -3.38 -24.56 -3.52
C VAL H 21 -4.29 -24.58 -2.27
N GLY H 22 -5.29 -25.44 -2.26
CA GLY H 22 -6.20 -25.66 -1.11
C GLY H 22 -5.42 -25.91 0.16
N ASP H 23 -4.52 -26.90 0.17
CA ASP H 23 -3.72 -27.19 1.33
C ASP H 23 -2.94 -25.98 1.86
N ARG H 24 -2.24 -25.28 0.97
CA ARG H 24 -1.48 -24.10 1.40
C ARG H 24 -2.41 -23.00 1.98
N VAL H 25 -3.61 -22.82 1.42
CA VAL H 25 -4.48 -21.82 1.99
C VAL H 25 -4.84 -22.19 3.44
N ASN H 26 -5.02 -23.48 3.69
CA ASN H 26 -5.39 -23.94 5.02
C ASN H 26 -4.25 -23.84 6.03
N TYR H 27 -3.02 -24.01 5.60
CA TYR H 27 -1.88 -23.79 6.50
C TYR H 27 -1.81 -22.30 6.84
N ILE H 28 -2.06 -21.45 5.86
CA ILE H 28 -1.98 -20.00 6.10
C ILE H 28 -3.08 -19.59 7.05
N LYS H 29 -4.23 -20.20 6.88
CA LYS H 29 -5.37 -19.88 7.71
C LYS H 29 -5.06 -20.26 9.16
N ARG H 30 -4.51 -21.44 9.35
CA ARG H 30 -4.15 -21.86 10.70
C ARG H 30 -3.05 -20.97 11.32
N SER H 31 -2.12 -20.48 10.50
CA SER H 31 -1.19 -19.44 10.98
C SER H 31 -1.89 -18.19 11.46
N LEU H 32 -2.94 -17.73 10.77
CA LEU H 32 -3.65 -16.55 11.20
C LEU H 32 -4.43 -16.83 12.51
N GLN H 33 -4.92 -18.05 12.65
CA GLN H 33 -5.65 -18.40 13.90
C GLN H 33 -4.69 -18.31 15.09
N SER H 34 -3.46 -18.75 14.83
CA SER H 34 -2.43 -18.76 15.81
C SER H 34 -1.99 -17.31 16.18
N LEU H 35 -1.75 -16.51 15.17
CA LEU H 35 -1.36 -15.12 15.33
C LEU H 35 -2.44 -14.39 16.14
N ASP H 36 -3.69 -14.71 15.85
CA ASP H 36 -4.82 -14.05 16.47
C ASP H 36 -4.92 -14.30 17.98
N SER H 37 -4.63 -15.53 18.38
CA SER H 37 -4.60 -15.90 19.76
C SER H 37 -3.44 -15.17 20.47
N GLN H 38 -2.32 -15.04 19.79
CA GLN H 38 -1.20 -14.30 20.37
C GLN H 38 -1.46 -12.79 20.54
N ILE H 39 -2.31 -12.19 19.68
CA ILE H 39 -2.63 -10.77 19.76
C ILE H 39 -3.61 -10.55 20.93
N GLY H 40 -4.54 -11.50 21.14
CA GLY H 40 -5.41 -11.46 22.28
C GLY H 40 -4.62 -11.33 23.57
N HIS H 41 -3.50 -12.06 23.68
CA HIS H 41 -2.70 -12.00 24.91
C HIS H 41 -1.89 -10.75 24.98
N LEU H 42 -1.51 -10.22 23.85
CA LEU H 42 -0.83 -8.93 23.84
C LEU H 42 -1.83 -7.81 24.21
N GLN H 43 -3.05 -7.90 23.72
CA GLN H 43 -4.07 -6.91 24.04
C GLN H 43 -4.31 -6.86 25.55
N ASP H 44 -4.41 -8.05 26.16
CA ASP H 44 -4.61 -8.10 27.62
C ASP H 44 -3.43 -7.59 28.41
N LEU H 45 -2.21 -7.80 27.93
CA LEU H 45 -1.04 -7.27 28.59
C LEU H 45 -0.99 -5.72 28.51
N SER H 46 -1.35 -5.14 27.34
CA SER H 46 -1.34 -3.69 27.25
C SER H 46 -2.40 -3.12 28.19
N ALA H 47 -3.59 -3.74 28.23
CA ALA H 47 -4.66 -3.27 29.13
C ALA H 47 -4.24 -3.29 30.60
N LEU H 48 -3.59 -4.36 30.99
CA LEU H 48 -3.09 -4.50 32.37
C LEU H 48 -2.01 -3.43 32.71
N THR H 49 -1.11 -3.19 31.77
CA THR H 49 -0.09 -2.15 31.93
C THR H 49 -0.72 -0.75 32.07
N VAL H 50 -1.75 -0.47 31.25
CA VAL H 50 -2.43 0.82 31.33
C VAL H 50 -3.14 0.94 32.67
N ASP H 51 -3.73 -0.17 33.15
CA ASP H 51 -4.43 -0.19 34.43
C ASP H 51 -3.52 0.30 35.57
N THR H 52 -2.31 -0.24 35.64
CA THR H 52 -1.38 0.16 36.70
C THR H 52 -0.90 1.59 36.47
N LEU H 53 -0.67 1.95 35.21
CA LEU H 53 -0.20 3.32 34.95
C LEU H 53 -1.17 4.39 35.42
N LYS H 54 -2.46 4.12 35.32
CA LYS H 54 -3.49 5.03 35.79
C LYS H 54 -3.40 5.31 37.25
N THR H 55 -2.65 4.46 37.93
CA THR H 55 -2.65 4.33 39.36
C THR H 55 -1.43 5.07 39.92
N LEU H 56 -0.46 5.35 39.04
CA LEU H 56 0.73 6.16 39.31
C LEU H 56 0.41 7.57 38.90
#